data_8GVZ
#
_entry.id   8GVZ
#
_cell.length_a   81.775
_cell.length_b   157.788
_cell.length_c   61.828
_cell.angle_alpha   90.000
_cell.angle_beta   90.000
_cell.angle_gamma   90.000
#
_symmetry.space_group_name_H-M   'C 2 2 21'
#
loop_
_entity.id
_entity.type
_entity.pdbx_description
1 polymer 'CAD protein'
2 non-polymer 5-FLUOROURACIL
3 non-polymer 'ZINC ION'
4 water water
#
_entity_poly.entity_id   1
_entity_poly.type   'polypeptide(L)'
_entity_poly.pdbx_seq_one_letter_code
;MTSQKLVRLPGLIDVHVHLREPGGTHKEDFASGTAAALAGGITMVCAMPNTRPPIIDAPALALAQKLAEAGARCDFALFL
GASSENAGTLGTVAGSAAGL(KCX)LYLNETFSELRLDSVVQWMEHFETWPSHLPIVAHAEQQTVAAVLMVAQLTQRSVH
ICHVARKEEILLIKAAKARGLPVTCEVAPHHLFLSHDDLERLGPGKGEVRPELGSRQDVEALWENMAVIDCFASDHAPHT
LEEKCGSRPPPGFPGLETMLPLLLTAVSEGRLSLDDLLQRLHHNPRRIFHLPPQEDTYVEVDLEHEWTIPSHMPFSKAHW
TPFEGQKVKGTVRRVVLRGEVAYIDGQVLVPPGYGQDVRKWPQGAVPQLPPSAPATSEMTTTPERPRRGIPGLPD
;
_entity_poly.pdbx_strand_id   A
#
# COMPACT_ATOMS: atom_id res chain seq x y z
N LYS A 5 -2.23 -9.68 27.83
CA LYS A 5 -3.01 -8.44 27.86
C LYS A 5 -3.00 -7.77 26.48
N LEU A 6 -3.87 -6.79 26.29
CA LEU A 6 -3.92 -6.09 25.03
C LEU A 6 -2.76 -5.12 24.93
N VAL A 7 -2.33 -4.84 23.69
CA VAL A 7 -1.30 -3.84 23.44
C VAL A 7 -1.94 -2.75 22.59
N ARG A 8 -1.77 -1.49 23.02
CA ARG A 8 -2.32 -0.36 22.28
C ARG A 8 -1.29 0.13 21.28
N LEU A 9 -1.70 0.22 20.05
CA LEU A 9 -0.87 0.70 18.96
C LEU A 9 -1.45 2.00 18.43
N PRO A 10 -0.64 2.87 17.87
CA PRO A 10 -1.19 4.06 17.22
C PRO A 10 -1.93 3.65 15.94
N GLY A 11 -2.65 4.61 15.36
CA GLY A 11 -3.35 4.29 14.13
C GLY A 11 -2.40 3.97 13.00
N LEU A 12 -2.45 2.73 12.49
CA LEU A 12 -1.50 2.31 11.46
C LEU A 12 -1.93 2.82 10.08
N ILE A 13 -0.95 2.94 9.20
CA ILE A 13 -1.09 3.57 7.89
C ILE A 13 -0.59 2.60 6.81
N ASP A 14 -1.41 2.37 5.79
CA ASP A 14 -1.01 1.57 4.62
C ASP A 14 -0.98 2.51 3.41
N VAL A 15 0.22 2.76 2.89
CA VAL A 15 0.41 3.75 1.83
C VAL A 15 0.21 3.13 0.44
N HIS A 16 -0.31 1.89 0.38
CA HIS A 16 -0.42 1.27 -0.94
C HIS A 16 -1.60 0.30 -0.97
N VAL A 17 -2.79 0.83 -1.30
CA VAL A 17 -3.98 0.00 -1.44
C VAL A 17 -4.72 0.32 -2.74
N HIS A 18 -5.41 -0.70 -3.25
CA HIS A 18 -6.31 -0.57 -4.40
C HIS A 18 -7.74 -0.80 -3.95
N LEU A 19 -8.53 0.27 -3.92
CA LEU A 19 -9.91 0.18 -3.47
C LEU A 19 -10.93 0.05 -4.62
N ARG A 20 -10.47 0.09 -5.87
CA ARG A 20 -11.21 -0.37 -7.05
C ARG A 20 -12.39 0.51 -7.45
N GLU A 21 -12.72 1.50 -6.65
CA GLU A 21 -13.81 2.41 -6.96
C GLU A 21 -13.23 3.74 -7.42
N PRO A 22 -13.63 4.28 -8.59
CA PRO A 22 -14.68 3.80 -9.49
C PRO A 22 -14.27 2.71 -10.48
N GLY A 23 -15.24 1.90 -10.94
CA GLY A 23 -15.08 1.12 -12.15
C GLY A 23 -14.80 -0.36 -11.94
N GLY A 24 -14.42 -0.78 -10.73
CA GLY A 24 -14.14 -2.17 -10.50
C GLY A 24 -14.79 -2.63 -9.21
N THR A 25 -15.98 -2.09 -8.93
CA THR A 25 -16.55 -2.24 -7.59
C THR A 25 -17.01 -3.65 -7.28
N HIS A 26 -17.02 -4.56 -8.26
CA HIS A 26 -17.24 -5.95 -7.92
C HIS A 26 -16.01 -6.58 -7.26
N LYS A 27 -14.83 -5.96 -7.42
CA LYS A 27 -13.62 -6.45 -6.75
C LYS A 27 -13.50 -5.90 -5.34
N GLU A 28 -14.01 -4.69 -5.11
CA GLU A 28 -13.86 -3.96 -3.87
C GLU A 28 -14.65 -2.67 -4.02
N ASP A 29 -14.76 -1.87 -2.97
CA ASP A 29 -15.26 -0.52 -3.14
C ASP A 29 -14.72 0.19 -1.90
N PHE A 30 -14.88 1.51 -1.82
CA PHE A 30 -14.34 2.21 -0.66
C PHE A 30 -14.90 1.63 0.63
N ALA A 31 -16.20 1.32 0.65
CA ALA A 31 -16.83 0.80 1.86
C ALA A 31 -16.26 -0.56 2.26
N SER A 32 -16.16 -1.49 1.31
CA SER A 32 -15.67 -2.83 1.67
C SER A 32 -14.17 -2.80 1.94
N GLY A 33 -13.43 -2.04 1.13
CA GLY A 33 -11.98 -2.02 1.27
C GLY A 33 -11.55 -1.36 2.56
N THR A 34 -12.24 -0.29 2.98
CA THR A 34 -11.83 0.36 4.22
C THR A 34 -12.35 -0.40 5.42
N ALA A 35 -13.45 -1.16 5.26
CA ALA A 35 -13.82 -2.14 6.26
C ALA A 35 -12.68 -3.14 6.45
N ALA A 36 -12.15 -3.68 5.35
CA ALA A 36 -11.00 -4.58 5.44
C ALA A 36 -9.80 -3.88 6.09
N ALA A 37 -9.59 -2.59 5.80
CA ALA A 37 -8.51 -1.86 6.46
C ALA A 37 -8.69 -1.85 7.99
N LEU A 38 -9.87 -1.43 8.45
CA LEU A 38 -10.09 -1.35 9.89
C LEU A 38 -9.91 -2.71 10.55
N ALA A 39 -10.38 -3.77 9.89
CA ALA A 39 -10.25 -5.13 10.42
C ALA A 39 -8.79 -5.54 10.52
N GLY A 40 -7.93 -4.96 9.69
CA GLY A 40 -6.50 -5.20 9.76
C GLY A 40 -5.73 -4.22 10.61
N GLY A 41 -6.39 -3.42 11.44
CA GLY A 41 -5.70 -2.48 12.28
C GLY A 41 -5.21 -1.25 11.56
N ILE A 42 -5.78 -0.93 10.40
CA ILE A 42 -5.33 0.17 9.55
C ILE A 42 -6.38 1.28 9.62
N THR A 43 -5.96 2.48 10.01
CA THR A 43 -6.89 3.60 10.12
C THR A 43 -6.68 4.67 9.05
N MET A 44 -5.67 4.53 8.20
CA MET A 44 -5.48 5.50 7.12
C MET A 44 -4.86 4.76 5.95
N VAL A 45 -5.41 5.00 4.75
CA VAL A 45 -4.97 4.31 3.53
C VAL A 45 -4.69 5.34 2.44
N CYS A 46 -3.71 5.02 1.59
CA CYS A 46 -3.45 5.81 0.38
C CYS A 46 -3.81 4.94 -0.81
N ALA A 47 -4.81 5.36 -1.58
CA ALA A 47 -5.41 4.55 -2.63
C ALA A 47 -4.83 4.86 -4.00
N MET A 48 -4.42 3.82 -4.73
CA MET A 48 -3.82 4.01 -6.03
C MET A 48 -4.83 4.42 -7.11
N PRO A 49 -4.32 5.00 -8.20
CA PRO A 49 -5.15 5.65 -9.23
C PRO A 49 -5.55 4.77 -10.40
N ASN A 50 -5.20 3.49 -10.41
CA ASN A 50 -5.42 2.67 -11.60
C ASN A 50 -6.86 2.16 -11.60
N THR A 51 -7.79 3.10 -11.44
CA THR A 51 -9.23 2.77 -11.42
C THR A 51 -9.83 3.02 -12.81
N ARG A 52 -11.16 2.92 -12.93
CA ARG A 52 -11.86 3.13 -14.22
C ARG A 52 -13.06 4.08 -14.02
N PRO A 53 -12.94 5.38 -14.34
CA PRO A 53 -11.73 5.94 -14.99
C PRO A 53 -10.47 6.06 -14.12
N PRO A 54 -9.24 6.06 -14.69
CA PRO A 54 -8.05 6.24 -13.83
C PRO A 54 -7.94 7.67 -13.33
N ILE A 55 -7.29 7.83 -12.19
CA ILE A 55 -7.24 9.14 -11.52
C ILE A 55 -6.00 9.85 -12.06
N ILE A 56 -6.16 10.44 -13.25
CA ILE A 56 -5.03 10.99 -13.98
C ILE A 56 -5.31 12.41 -14.46
N ASP A 57 -6.33 13.04 -13.87
CA ASP A 57 -6.70 14.41 -14.24
C ASP A 57 -7.60 14.97 -13.14
N ALA A 58 -7.78 16.29 -13.16
CA ALA A 58 -8.56 16.94 -12.11
C ALA A 58 -9.98 16.41 -12.01
N PRO A 59 -10.73 16.25 -13.11
CA PRO A 59 -12.11 15.75 -12.97
C PRO A 59 -12.19 14.34 -12.41
N ALA A 60 -11.25 13.46 -12.77
CA ALA A 60 -11.27 12.12 -12.21
C ALA A 60 -10.93 12.15 -10.72
N LEU A 61 -10.01 13.02 -10.33
CA LEU A 61 -9.69 13.19 -8.92
C LEU A 61 -10.90 13.70 -8.14
N ALA A 62 -11.61 14.71 -8.68
CA ALA A 62 -12.79 15.21 -7.97
C ALA A 62 -13.83 14.11 -7.78
N LEU A 63 -14.07 13.31 -8.82
CA LEU A 63 -15.04 12.22 -8.71
C LEU A 63 -14.64 11.24 -7.62
N ALA A 64 -13.38 10.79 -7.64
CA ALA A 64 -12.91 9.82 -6.65
C ALA A 64 -12.95 10.39 -5.24
N GLN A 65 -12.69 11.69 -5.09
CA GLN A 65 -12.76 12.31 -3.78
C GLN A 65 -14.17 12.18 -3.19
N LYS A 66 -15.19 12.54 -3.96
CA LYS A 66 -16.56 12.40 -3.47
C LYS A 66 -16.90 10.95 -3.20
N LEU A 67 -16.57 10.07 -4.14
CA LEU A 67 -16.82 8.65 -3.94
C LEU A 67 -16.16 8.17 -2.65
N ALA A 68 -14.93 8.62 -2.39
CA ALA A 68 -14.24 8.23 -1.17
C ALA A 68 -14.90 8.85 0.06
N GLU A 69 -15.27 10.13 0.00
CA GLU A 69 -15.90 10.75 1.16
C GLU A 69 -17.23 10.10 1.50
N ALA A 70 -17.91 9.52 0.49
CA ALA A 70 -19.20 8.89 0.72
C ALA A 70 -19.08 7.44 1.20
N GLY A 71 -18.00 6.75 0.85
CA GLY A 71 -17.92 5.33 1.08
C GLY A 71 -16.85 4.88 2.05
N ALA A 72 -15.80 5.68 2.24
CA ALA A 72 -14.70 5.26 3.08
C ALA A 72 -15.11 5.28 4.54
N ARG A 73 -14.66 4.26 5.27
CA ARG A 73 -14.89 4.13 6.70
C ARG A 73 -13.67 4.51 7.54
N CYS A 74 -12.47 4.42 6.99
CA CYS A 74 -11.28 4.98 7.63
C CYS A 74 -10.80 6.17 6.80
N ASP A 75 -9.81 6.88 7.32
CA ASP A 75 -9.36 8.06 6.62
C ASP A 75 -8.42 7.67 5.47
N PHE A 76 -8.19 8.62 4.57
CA PHE A 76 -7.57 8.25 3.30
C PHE A 76 -6.91 9.47 2.67
N ALA A 77 -5.97 9.19 1.76
CA ALA A 77 -5.57 10.12 0.73
C ALA A 77 -5.55 9.37 -0.59
N LEU A 78 -5.69 10.11 -1.69
CA LEU A 78 -5.81 9.54 -3.03
C LEU A 78 -4.59 9.88 -3.86
N PHE A 79 -3.99 8.86 -4.47
CA PHE A 79 -2.89 9.11 -5.40
C PHE A 79 -3.44 9.66 -6.72
N LEU A 80 -2.65 10.53 -7.35
CA LEU A 80 -2.80 10.80 -8.77
C LEU A 80 -1.89 9.84 -9.53
N GLY A 81 -2.27 9.52 -10.76
CA GLY A 81 -1.49 8.63 -11.62
C GLY A 81 -0.82 9.40 -12.75
N ALA A 82 0.45 9.08 -12.98
CA ALA A 82 1.15 9.60 -14.15
C ALA A 82 0.67 8.90 -15.42
N SER A 83 0.44 9.66 -16.49
CA SER A 83 0.07 9.09 -17.77
C SER A 83 1.03 9.56 -18.86
N SER A 84 0.87 9.00 -20.05
CA SER A 84 1.64 9.47 -21.18
C SER A 84 1.20 10.83 -21.68
N GLU A 85 0.21 11.45 -21.05
CA GLU A 85 -0.34 12.69 -21.56
C GLU A 85 -0.52 13.79 -20.51
N ASN A 86 -0.39 13.51 -19.22
CA ASN A 86 -0.76 14.52 -18.23
C ASN A 86 0.42 15.19 -17.55
N ALA A 87 1.65 14.95 -17.99
CA ALA A 87 2.77 15.67 -17.39
C ALA A 87 2.57 17.16 -17.60
N GLY A 88 2.85 17.94 -16.54
CA GLY A 88 2.68 19.37 -16.57
C GLY A 88 1.26 19.87 -16.40
N THR A 89 0.27 18.98 -16.30
CA THR A 89 -1.13 19.39 -16.19
C THR A 89 -1.67 19.32 -14.79
N LEU A 90 -0.91 18.78 -13.83
CA LEU A 90 -1.44 18.41 -12.53
C LEU A 90 -1.13 19.43 -11.44
N GLY A 91 -0.50 20.56 -11.81
CA GLY A 91 0.01 21.46 -10.79
C GLY A 91 -1.04 22.07 -9.90
N THR A 92 -2.27 22.25 -10.39
CA THR A 92 -3.26 22.89 -9.54
C THR A 92 -3.90 21.91 -8.55
N VAL A 93 -3.88 20.61 -8.84
CA VAL A 93 -4.47 19.62 -7.94
C VAL A 93 -3.41 18.75 -7.23
N ALA A 94 -2.13 18.88 -7.57
CA ALA A 94 -1.12 17.96 -7.05
C ALA A 94 -1.11 17.94 -5.52
N GLY A 95 -1.20 19.10 -4.88
CA GLY A 95 -1.14 19.18 -3.43
C GLY A 95 -2.29 18.47 -2.73
N SER A 96 -3.37 18.21 -3.43
CA SER A 96 -4.52 17.57 -2.78
C SER A 96 -4.45 16.05 -2.83
N ALA A 97 -3.43 15.49 -3.48
CA ALA A 97 -3.26 14.05 -3.65
C ALA A 97 -2.25 13.51 -2.64
N ALA A 98 -2.33 12.20 -2.39
CA ALA A 98 -1.29 11.52 -1.61
C ALA A 98 0.09 11.73 -2.21
N GLY A 99 0.18 11.64 -3.53
CA GLY A 99 1.44 11.73 -4.24
C GLY A 99 1.17 11.41 -5.70
N LEU A 100 2.23 11.33 -6.49
CA LEU A 100 2.12 10.91 -7.88
C LEU A 100 2.59 9.46 -8.02
N LEU A 102 3.79 6.39 -10.52
CA LEU A 102 4.28 5.98 -11.84
C LEU A 102 4.22 4.47 -12.01
N TYR A 103 3.56 3.98 -13.06
CA TYR A 103 3.58 2.57 -13.42
C TYR A 103 4.65 2.38 -14.49
N LEU A 104 5.76 1.74 -14.10
CA LEU A 104 6.91 1.59 -14.99
C LEU A 104 7.09 0.17 -15.50
N ASN A 105 6.27 -0.77 -15.06
CA ASN A 105 6.30 -2.14 -15.56
C ASN A 105 4.89 -2.59 -15.92
N GLU A 106 4.81 -3.73 -16.58
CA GLU A 106 3.49 -4.31 -16.90
C GLU A 106 2.85 -4.85 -15.62
N THR A 107 1.60 -4.54 -15.40
CA THR A 107 0.79 -5.07 -14.28
C THR A 107 -0.66 -4.68 -14.59
N PHE A 108 -1.55 -4.90 -13.61
CA PHE A 108 -2.96 -4.51 -13.78
C PHE A 108 -2.85 -3.00 -13.79
N SER A 109 -2.78 -2.44 -15.00
CA SER A 109 -2.55 -1.01 -15.17
C SER A 109 -2.63 -0.68 -16.65
N GLU A 110 -3.32 0.42 -16.97
CA GLU A 110 -3.32 0.98 -18.31
C GLU A 110 -2.47 2.24 -18.39
N LEU A 111 -1.60 2.45 -17.39
CA LEU A 111 -0.86 3.71 -17.25
C LEU A 111 0.63 3.55 -17.52
N ARG A 112 1.06 2.48 -18.17
CA ARG A 112 2.49 2.30 -18.35
C ARG A 112 3.07 3.43 -19.20
N LEU A 113 4.19 3.98 -18.75
CA LEU A 113 4.95 4.96 -19.52
C LEU A 113 6.10 4.22 -20.17
N ASP A 114 6.12 4.19 -21.49
CA ASP A 114 7.13 3.36 -22.16
C ASP A 114 8.46 4.08 -22.40
N SER A 115 8.48 5.40 -22.52
CA SER A 115 9.74 6.12 -22.70
C SER A 115 10.22 6.70 -21.37
N VAL A 116 11.51 6.52 -21.09
CA VAL A 116 12.12 7.15 -19.92
C VAL A 116 12.01 8.67 -19.98
N VAL A 117 11.88 9.25 -21.18
CA VAL A 117 11.72 10.70 -21.28
C VAL A 117 10.39 11.14 -20.64
N GLN A 118 9.36 10.29 -20.74
CA GLN A 118 8.11 10.58 -20.02
C GLN A 118 8.30 10.55 -18.52
N TRP A 119 9.14 9.64 -18.01
CA TRP A 119 9.45 9.65 -16.58
C TRP A 119 10.09 10.98 -16.20
N MET A 120 11.11 11.40 -16.96
CA MET A 120 11.79 12.65 -16.66
C MET A 120 10.82 13.82 -16.67
N GLU A 121 9.92 13.85 -17.65
CA GLU A 121 8.96 14.95 -17.75
C GLU A 121 8.09 15.03 -16.49
N HIS A 122 7.69 13.87 -15.97
CA HIS A 122 6.94 13.87 -14.72
C HIS A 122 7.79 14.34 -13.54
N PHE A 123 9.01 13.82 -13.43
CA PHE A 123 9.86 14.23 -12.31
C PHE A 123 10.18 15.71 -12.36
N GLU A 124 10.23 16.29 -13.55
CA GLU A 124 10.54 17.70 -13.71
C GLU A 124 9.35 18.59 -13.44
N THR A 125 8.14 18.14 -13.79
CA THR A 125 6.94 18.98 -13.73
C THR A 125 6.16 18.83 -12.43
N TRP A 126 6.17 17.65 -11.82
CA TRP A 126 5.46 17.46 -10.55
C TRP A 126 6.13 18.30 -9.46
N PRO A 127 5.36 18.97 -8.60
CA PRO A 127 6.00 19.80 -7.57
C PRO A 127 7.01 19.00 -6.77
N SER A 128 8.21 19.57 -6.61
CA SER A 128 9.32 18.78 -6.08
C SER A 128 9.14 18.39 -4.62
N HIS A 129 8.24 19.07 -3.89
CA HIS A 129 8.05 18.79 -2.47
C HIS A 129 7.03 17.69 -2.20
N LEU A 130 6.34 17.16 -3.28
CA LEU A 130 5.27 16.20 -3.15
C LEU A 130 5.78 14.79 -3.48
N PRO A 131 5.25 13.76 -2.82
CA PRO A 131 5.78 12.40 -3.05
C PRO A 131 5.61 11.92 -4.49
N ILE A 132 6.62 11.20 -4.99
CA ILE A 132 6.50 10.38 -6.18
C ILE A 132 6.82 8.95 -5.78
N VAL A 133 5.94 8.02 -6.15
CA VAL A 133 6.14 6.59 -5.88
C VAL A 133 6.10 5.87 -7.23
N ALA A 134 6.84 4.77 -7.33
CA ALA A 134 6.96 4.03 -8.59
C ALA A 134 6.76 2.54 -8.41
N HIS A 135 5.94 1.94 -9.27
CA HIS A 135 6.03 0.50 -9.49
C HIS A 135 7.23 0.28 -10.41
N ALA A 136 8.31 -0.26 -9.85
CA ALA A 136 9.59 -0.30 -10.55
C ALA A 136 10.29 -1.59 -10.16
N GLU A 137 10.42 -2.53 -11.10
CA GLU A 137 10.91 -3.87 -10.82
C GLU A 137 12.29 -4.08 -11.43
N GLN A 138 13.15 -4.79 -10.69
CA GLN A 138 14.45 -5.23 -11.19
C GLN A 138 15.24 -4.05 -11.73
N GLN A 139 15.65 -4.09 -13.00
CA GLN A 139 16.50 -2.98 -13.43
C GLN A 139 15.74 -1.66 -13.48
N THR A 140 14.41 -1.71 -13.49
CA THR A 140 13.65 -0.47 -13.53
C THR A 140 13.87 0.34 -12.26
N VAL A 141 14.19 -0.31 -11.13
CA VAL A 141 14.54 0.43 -9.92
C VAL A 141 15.76 1.31 -10.17
N ALA A 142 16.83 0.75 -10.72
CA ALA A 142 18.01 1.56 -11.03
C ALA A 142 17.68 2.66 -12.05
N ALA A 143 16.88 2.33 -13.07
CA ALA A 143 16.51 3.33 -14.06
C ALA A 143 15.78 4.50 -13.43
N VAL A 144 14.78 4.24 -12.58
CA VAL A 144 14.01 5.36 -12.01
C VAL A 144 14.86 6.13 -11.00
N LEU A 145 15.76 5.45 -10.28
CA LEU A 145 16.68 6.16 -9.41
C LEU A 145 17.54 7.14 -10.21
N MET A 146 17.99 6.71 -11.37
CA MET A 146 18.76 7.61 -12.22
C MET A 146 17.94 8.83 -12.60
N VAL A 147 16.66 8.63 -12.91
CA VAL A 147 15.82 9.77 -13.27
C VAL A 147 15.66 10.71 -12.08
N ALA A 148 15.45 10.15 -10.87
CA ALA A 148 15.39 10.97 -9.67
C ALA A 148 16.67 11.77 -9.47
N GLN A 149 17.84 11.13 -9.69
CA GLN A 149 19.10 11.87 -9.54
C GLN A 149 19.24 12.97 -10.59
N LEU A 150 18.92 12.66 -11.85
CA LEU A 150 19.01 13.69 -12.89
C LEU A 150 18.12 14.87 -12.57
N THR A 151 16.95 14.62 -12.01
CA THR A 151 16.04 15.70 -11.66
C THR A 151 16.22 16.18 -10.23
N GLN A 152 17.18 15.62 -9.50
CA GLN A 152 17.56 16.07 -8.16
C GLN A 152 16.41 16.02 -7.14
N ARG A 153 15.73 14.89 -7.05
CA ARG A 153 14.67 14.81 -6.04
C ARG A 153 14.56 13.37 -5.55
N SER A 154 13.63 13.16 -4.63
CA SER A 154 13.44 11.87 -3.99
C SER A 154 12.54 10.97 -4.84
N VAL A 155 12.59 9.67 -4.55
CA VAL A 155 11.63 8.73 -5.10
C VAL A 155 11.38 7.66 -4.06
N HIS A 156 10.17 7.12 -4.07
CA HIS A 156 9.77 6.01 -3.21
C HIS A 156 9.48 4.79 -4.07
N ILE A 157 10.07 3.65 -3.74
CA ILE A 157 9.90 2.44 -4.55
C ILE A 157 8.85 1.56 -3.90
N CYS A 158 7.82 1.25 -4.67
CA CYS A 158 6.71 0.38 -4.19
C CYS A 158 7.13 -1.10 -4.11
N HIS A 159 6.36 -1.90 -3.35
CA HIS A 159 6.59 -3.36 -3.17
C HIS A 159 7.94 -3.84 -3.69
N VAL A 160 9.00 -3.66 -2.91
CA VAL A 160 10.33 -4.22 -3.26
C VAL A 160 10.20 -5.72 -3.00
N ALA A 161 10.62 -6.57 -3.93
CA ALA A 161 10.36 -8.00 -3.81
C ALA A 161 11.58 -8.90 -4.00
N ARG A 162 12.74 -8.36 -4.34
CA ARG A 162 13.86 -9.16 -4.81
C ARG A 162 15.13 -8.79 -4.05
N LYS A 163 15.99 -9.79 -3.82
CA LYS A 163 17.33 -9.50 -3.33
C LYS A 163 18.00 -8.42 -4.20
N GLU A 164 17.91 -8.60 -5.52
CA GLU A 164 18.44 -7.61 -6.46
C GLU A 164 17.99 -6.19 -6.13
N GLU A 165 16.70 -5.99 -5.88
CA GLU A 165 16.18 -4.64 -5.69
C GLU A 165 16.57 -4.04 -4.34
N ILE A 166 16.48 -4.82 -3.25
CA ILE A 166 16.78 -4.25 -1.93
C ILE A 166 18.26 -3.94 -1.80
N LEU A 167 19.13 -4.76 -2.41
CA LEU A 167 20.56 -4.46 -2.39
C LEU A 167 20.89 -3.22 -3.21
N LEU A 168 20.20 -3.01 -4.32
CA LEU A 168 20.39 -1.78 -5.08
C LEU A 168 19.95 -0.57 -4.28
N ILE A 169 18.79 -0.66 -3.61
CA ILE A 169 18.35 0.46 -2.77
C ILE A 169 19.33 0.67 -1.62
N LYS A 170 19.89 -0.41 -1.09
CA LYS A 170 20.83 -0.25 0.01
C LYS A 170 22.06 0.52 -0.45
N ALA A 171 22.55 0.22 -1.66
CA ALA A 171 23.72 0.93 -2.18
C ALA A 171 23.40 2.39 -2.43
N ALA A 172 22.20 2.68 -2.90
CA ALA A 172 21.81 4.05 -3.16
C ALA A 172 21.74 4.85 -1.86
N LYS A 173 21.15 4.26 -0.82
CA LYS A 173 21.06 4.96 0.45
C LYS A 173 22.44 5.21 1.03
N ALA A 174 23.37 4.27 0.84
CA ALA A 174 24.74 4.43 1.32
C ALA A 174 25.49 5.55 0.61
N ARG A 175 25.08 5.90 -0.61
CA ARG A 175 25.61 7.07 -1.29
C ARG A 175 24.82 8.33 -0.96
N GLY A 176 23.89 8.26 -0.02
CA GLY A 176 23.19 9.45 0.43
C GLY A 176 22.08 9.90 -0.49
N LEU A 177 21.63 9.03 -1.40
CA LEU A 177 20.57 9.38 -2.34
C LEU A 177 19.21 9.36 -1.63
N PRO A 178 18.32 10.30 -1.94
CA PRO A 178 17.00 10.33 -1.28
C PRO A 178 16.04 9.31 -1.87
N VAL A 179 16.15 8.07 -1.43
CA VAL A 179 15.29 6.98 -1.88
C VAL A 179 14.70 6.28 -0.66
N THR A 180 13.41 5.99 -0.71
CA THR A 180 12.75 5.19 0.32
C THR A 180 12.03 4.04 -0.37
N CYS A 181 11.58 3.06 0.41
CA CYS A 181 10.93 1.90 -0.20
C CYS A 181 9.96 1.24 0.80
N GLU A 182 9.07 0.41 0.26
CA GLU A 182 8.12 -0.37 1.03
C GLU A 182 8.22 -1.82 0.58
N VAL A 183 7.80 -2.73 1.47
CA VAL A 183 7.72 -4.14 1.16
C VAL A 183 6.34 -4.66 1.56
N ALA A 184 5.75 -5.49 0.71
CA ALA A 184 4.43 -6.06 0.97
C ALA A 184 4.54 -7.42 1.67
N PRO A 185 3.53 -7.79 2.44
CA PRO A 185 3.63 -9.04 3.22
C PRO A 185 3.84 -10.28 2.36
N HIS A 186 3.26 -10.37 1.17
CA HIS A 186 3.42 -11.60 0.38
C HIS A 186 4.88 -11.84 0.00
N HIS A 187 5.68 -10.79 -0.10
CA HIS A 187 7.08 -10.96 -0.43
C HIS A 187 7.94 -11.23 0.81
N LEU A 188 7.34 -11.16 2.00
CA LEU A 188 8.01 -11.57 3.23
C LEU A 188 7.58 -12.94 3.71
N PHE A 189 6.37 -13.39 3.35
CA PHE A 189 5.76 -14.56 3.95
C PHE A 189 5.35 -15.63 2.94
N LEU A 190 5.57 -15.40 1.65
CA LEU A 190 5.33 -16.37 0.59
C LEU A 190 6.52 -16.39 -0.34
N SER A 191 6.60 -17.40 -1.19
CA SER A 191 7.74 -17.55 -2.08
C SER A 191 7.39 -18.58 -3.14
N HIS A 192 8.36 -18.84 -4.04
CA HIS A 192 8.22 -19.91 -5.03
C HIS A 192 7.66 -21.19 -4.42
N ASP A 193 8.12 -21.53 -3.22
CA ASP A 193 7.67 -22.75 -2.56
C ASP A 193 6.15 -22.85 -2.52
N ASP A 194 5.45 -21.72 -2.60
CA ASP A 194 4.01 -21.69 -2.45
C ASP A 194 3.26 -21.71 -3.78
N LEU A 195 3.97 -21.61 -4.92
CA LEU A 195 3.30 -21.56 -6.21
C LEU A 195 2.55 -22.86 -6.51
N GLU A 196 3.06 -23.99 -6.03
CA GLU A 196 2.36 -25.26 -6.20
C GLU A 196 0.98 -25.24 -5.56
N ARG A 197 0.90 -24.77 -4.31
CA ARG A 197 -0.39 -24.68 -3.63
C ARG A 197 -1.31 -23.70 -4.33
N LEU A 198 -0.76 -22.52 -4.67
CA LEU A 198 -1.60 -21.45 -5.18
C LEU A 198 -2.10 -21.76 -6.60
N GLY A 199 -1.24 -22.35 -7.43
CA GLY A 199 -1.54 -22.49 -8.84
C GLY A 199 -1.19 -21.23 -9.58
N PRO A 200 -1.15 -21.31 -10.91
CA PRO A 200 -0.70 -20.16 -11.71
C PRO A 200 -1.72 -19.03 -11.81
N GLY A 201 -2.98 -19.25 -11.43
CA GLY A 201 -3.96 -18.19 -11.46
C GLY A 201 -3.93 -17.36 -10.18
N LYS A 202 -4.28 -17.99 -9.05
CA LYS A 202 -4.14 -17.35 -7.75
C LYS A 202 -2.74 -16.76 -7.56
N GLY A 203 -1.70 -17.52 -7.93
CA GLY A 203 -0.34 -17.11 -7.66
C GLY A 203 0.18 -15.95 -8.48
N GLU A 204 -0.63 -15.43 -9.41
CA GLU A 204 -0.20 -14.37 -10.29
C GLU A 204 -0.18 -13.04 -9.53
N VAL A 205 1.00 -12.45 -9.40
CA VAL A 205 1.14 -11.14 -8.78
C VAL A 205 2.34 -10.43 -9.42
N ARG A 206 2.31 -9.09 -9.41
CA ARG A 206 3.46 -8.30 -9.83
C ARG A 206 3.76 -7.30 -8.73
N PRO A 207 5.00 -7.23 -8.22
CA PRO A 207 6.12 -8.11 -8.58
C PRO A 207 5.83 -9.58 -8.24
N GLU A 208 6.35 -10.52 -9.04
CA GLU A 208 6.05 -11.93 -8.79
C GLU A 208 6.63 -12.39 -7.45
N LEU A 209 6.13 -13.53 -6.97
CA LEU A 209 6.71 -14.13 -5.76
C LEU A 209 8.17 -14.47 -5.99
N GLY A 210 8.99 -14.30 -4.95
CA GLY A 210 10.42 -14.49 -5.06
C GLY A 210 10.88 -15.87 -4.58
N SER A 211 12.15 -16.13 -4.84
CA SER A 211 12.81 -17.32 -4.31
C SER A 211 12.92 -17.23 -2.79
N ARG A 212 13.33 -18.34 -2.17
CA ARG A 212 13.61 -18.28 -0.74
C ARG A 212 14.75 -17.33 -0.44
N GLN A 213 15.73 -17.23 -1.34
CA GLN A 213 16.81 -16.28 -1.13
C GLN A 213 16.35 -14.83 -1.27
N ASP A 214 15.39 -14.57 -2.16
CA ASP A 214 14.76 -13.25 -2.22
C ASP A 214 14.12 -12.91 -0.87
N VAL A 215 13.26 -13.81 -0.37
CA VAL A 215 12.61 -13.58 0.92
C VAL A 215 13.63 -13.40 2.01
N GLU A 216 14.65 -14.28 2.06
CA GLU A 216 15.64 -14.15 3.13
C GLU A 216 16.37 -12.83 3.03
N ALA A 217 16.67 -12.39 1.80
CA ALA A 217 17.40 -11.14 1.61
C ALA A 217 16.60 -9.93 2.13
N LEU A 218 15.27 -9.93 1.95
CA LEU A 218 14.47 -8.83 2.49
C LEU A 218 14.51 -8.81 4.02
N TRP A 219 14.36 -9.98 4.64
CA TRP A 219 14.46 -10.06 6.10
C TRP A 219 15.83 -9.62 6.59
N GLU A 220 16.90 -10.11 5.94
CA GLU A 220 18.25 -9.71 6.35
C GLU A 220 18.45 -8.20 6.22
N ASN A 221 17.79 -7.58 5.24
CA ASN A 221 17.93 -6.14 5.00
C ASN A 221 16.74 -5.32 5.49
N MET A 222 16.06 -5.80 6.54
CA MET A 222 15.05 -4.99 7.25
C MET A 222 15.42 -3.53 7.43
N ALA A 223 16.69 -3.24 7.73
CA ALA A 223 17.08 -1.84 7.98
C ALA A 223 16.87 -0.96 6.75
N VAL A 224 16.89 -1.55 5.56
CA VAL A 224 16.69 -0.81 4.32
C VAL A 224 15.21 -0.57 4.03
N ILE A 225 14.31 -1.31 4.66
CA ILE A 225 12.87 -1.20 4.39
C ILE A 225 12.30 -0.06 5.22
N ASP A 226 11.79 0.99 4.56
CA ASP A 226 11.19 2.10 5.29
C ASP A 226 9.76 1.80 5.73
N CYS A 227 8.98 1.14 4.87
CA CYS A 227 7.55 0.93 5.13
C CYS A 227 7.17 -0.50 4.80
N PHE A 228 6.19 -1.02 5.54
CA PHE A 228 5.38 -2.14 5.09
C PHE A 228 4.13 -1.54 4.47
N ALA A 229 3.63 -2.18 3.40
CA ALA A 229 2.44 -1.69 2.71
C ALA A 229 1.85 -2.86 1.95
N SER A 230 0.55 -3.04 2.06
CA SER A 230 -0.07 -4.29 1.62
C SER A 230 -0.01 -4.49 0.09
N ASP A 231 0.00 -3.43 -0.71
CA ASP A 231 -0.44 -3.51 -2.11
C ASP A 231 -1.71 -4.36 -2.20
N HIS A 232 -2.65 -4.05 -1.33
CA HIS A 232 -3.96 -4.66 -1.35
C HIS A 232 -4.54 -4.50 -2.76
N ALA A 233 -4.67 -5.62 -3.49
CA ALA A 233 -4.98 -5.61 -4.92
C ALA A 233 -6.04 -6.68 -5.16
N PRO A 234 -7.28 -6.41 -4.78
CA PRO A 234 -8.34 -7.42 -4.81
C PRO A 234 -8.86 -7.66 -6.22
N HIS A 235 -8.95 -8.94 -6.57
CA HIS A 235 -9.71 -9.43 -7.71
C HIS A 235 -10.53 -10.63 -7.24
N THR A 236 -11.62 -10.94 -7.94
CA THR A 236 -12.43 -12.07 -7.52
C THR A 236 -11.72 -13.37 -7.83
N LEU A 237 -12.12 -14.43 -7.12
CA LEU A 237 -11.53 -15.74 -7.40
C LEU A 237 -11.75 -16.13 -8.86
N GLU A 238 -12.96 -15.89 -9.37
CA GLU A 238 -13.24 -16.15 -10.78
C GLU A 238 -12.18 -15.51 -11.67
N GLU A 239 -11.86 -14.24 -11.42
CA GLU A 239 -10.87 -13.56 -12.24
C GLU A 239 -9.49 -14.18 -12.05
N LYS A 240 -9.10 -14.44 -10.81
CA LYS A 240 -7.78 -15.04 -10.54
C LYS A 240 -7.62 -16.39 -11.21
N CYS A 241 -8.72 -17.14 -11.37
CA CYS A 241 -8.62 -18.52 -11.91
C CYS A 241 -9.03 -18.59 -13.37
N GLY A 242 -9.25 -17.45 -14.01
CA GLY A 242 -9.72 -17.42 -15.39
C GLY A 242 -8.63 -17.46 -16.42
N SER A 243 -8.99 -17.14 -17.66
CA SER A 243 -8.03 -17.26 -18.76
C SER A 243 -6.87 -16.32 -18.58
N ARG A 244 -7.13 -15.02 -18.46
CA ARG A 244 -6.03 -14.06 -18.31
C ARG A 244 -6.07 -13.47 -16.90
N PRO A 245 -5.50 -14.16 -15.92
CA PRO A 245 -5.66 -13.73 -14.52
C PRO A 245 -4.98 -12.38 -14.31
N PRO A 246 -5.68 -11.42 -13.72
CA PRO A 246 -5.01 -10.17 -13.34
C PRO A 246 -4.10 -10.40 -12.15
N PRO A 247 -2.94 -9.77 -12.13
CA PRO A 247 -2.03 -9.94 -10.99
C PRO A 247 -2.54 -9.22 -9.75
N GLY A 248 -2.16 -9.73 -8.59
CA GLY A 248 -2.45 -9.04 -7.35
C GLY A 248 -3.12 -9.90 -6.30
N PHE A 249 -2.83 -9.56 -5.05
CA PHE A 249 -3.43 -10.28 -3.92
C PHE A 249 -4.17 -9.33 -2.99
N PRO A 250 -5.26 -9.77 -2.32
CA PRO A 250 -5.87 -8.96 -1.28
C PRO A 250 -4.92 -9.10 -0.08
N GLY A 251 -4.86 -8.12 0.83
CA GLY A 251 -3.89 -8.20 1.95
C GLY A 251 -4.17 -7.34 3.20
N LEU A 252 -5.13 -6.43 3.16
CA LEU A 252 -5.34 -5.54 4.33
C LEU A 252 -5.66 -6.36 5.60
N GLU A 253 -6.47 -7.40 5.46
CA GLU A 253 -6.92 -8.11 6.65
C GLU A 253 -5.87 -9.10 7.18
N THR A 254 -4.89 -9.47 6.38
CA THR A 254 -3.87 -10.43 6.79
C THR A 254 -2.53 -9.78 7.15
N MET A 255 -2.29 -8.54 6.70
CA MET A 255 -0.96 -7.94 6.84
C MET A 255 -0.50 -7.87 8.29
N LEU A 256 -1.32 -7.30 9.17
CA LEU A 256 -0.86 -7.07 10.54
C LEU A 256 -0.79 -8.39 11.29
N PRO A 257 -1.79 -9.27 11.17
CA PRO A 257 -1.63 -10.60 11.81
C PRO A 257 -0.36 -11.33 11.40
N LEU A 258 0.00 -11.29 10.11
CA LEU A 258 1.25 -11.92 9.70
C LEU A 258 2.44 -11.26 10.37
N LEU A 259 2.43 -9.93 10.43
CA LEU A 259 3.59 -9.22 10.96
C LEU A 259 3.68 -9.37 12.48
N LEU A 260 2.53 -9.36 13.17
CA LEU A 260 2.55 -9.64 14.61
C LEU A 260 3.12 -11.01 14.89
N THR A 261 2.83 -11.99 14.03
CA THR A 261 3.40 -13.32 14.20
C THR A 261 4.90 -13.27 14.14
N ALA A 262 5.45 -12.58 13.13
CA ALA A 262 6.89 -12.35 13.07
C ALA A 262 7.41 -11.68 14.34
N VAL A 263 6.68 -10.68 14.85
CA VAL A 263 7.13 -10.04 16.08
C VAL A 263 7.19 -11.06 17.21
N SER A 264 6.14 -11.87 17.37
CA SER A 264 6.13 -12.82 18.48
C SER A 264 7.22 -13.88 18.32
N GLU A 265 7.63 -14.17 17.08
CA GLU A 265 8.72 -15.09 16.83
C GLU A 265 10.09 -14.44 16.96
N GLY A 266 10.15 -13.17 17.37
CA GLY A 266 11.42 -12.46 17.49
C GLY A 266 12.10 -12.08 16.19
N ARG A 267 11.40 -12.13 15.04
CA ARG A 267 12.02 -11.80 13.77
C ARG A 267 12.16 -10.30 13.53
N LEU A 268 11.36 -9.48 14.21
CA LEU A 268 11.54 -8.04 14.27
C LEU A 268 10.85 -7.58 15.53
N SER A 269 11.22 -6.37 15.98
CA SER A 269 10.65 -5.85 17.21
C SER A 269 9.32 -5.17 16.93
N LEU A 270 8.55 -4.98 18.00
CA LEU A 270 7.34 -4.16 17.90
C LEU A 270 7.67 -2.76 17.39
N ASP A 271 8.80 -2.21 17.83
CA ASP A 271 9.22 -0.90 17.34
C ASP A 271 9.47 -0.90 15.84
N ASP A 272 10.20 -1.91 15.36
CA ASP A 272 10.48 -2.04 13.93
C ASP A 272 9.18 -2.03 13.15
N LEU A 273 8.17 -2.69 13.68
CA LEU A 273 6.85 -2.73 13.06
C LEU A 273 6.20 -1.36 13.06
N LEU A 274 6.26 -0.65 14.19
CA LEU A 274 5.60 0.65 14.28
C LEU A 274 6.31 1.70 13.44
N GLN A 275 7.65 1.64 13.36
CA GLN A 275 8.37 2.48 12.40
C GLN A 275 7.79 2.30 11.01
N ARG A 276 7.52 1.05 10.60
CA ARG A 276 7.24 0.77 9.20
C ARG A 276 5.75 0.83 8.84
N LEU A 277 4.86 0.78 9.84
CA LEU A 277 3.44 0.92 9.55
C LEU A 277 2.86 2.17 10.18
N HIS A 278 3.70 3.09 10.69
CA HIS A 278 3.15 4.31 11.25
C HIS A 278 4.10 5.51 11.07
N HIS A 279 5.25 5.50 11.74
CA HIS A 279 6.13 6.67 11.71
C HIS A 279 6.69 6.95 10.32
N ASN A 280 7.26 5.95 9.66
CA ASN A 280 7.87 6.25 8.35
C ASN A 280 6.82 6.58 7.28
N PRO A 281 5.68 5.86 7.21
CA PRO A 281 4.61 6.33 6.31
C PRO A 281 4.25 7.78 6.55
N ARG A 282 4.08 8.17 7.82
CA ARG A 282 3.78 9.56 8.13
C ARG A 282 4.79 10.50 7.50
N ARG A 283 6.08 10.22 7.70
CA ARG A 283 7.06 11.25 7.37
C ARG A 283 7.39 11.28 5.88
N ILE A 284 7.31 10.13 5.20
CA ILE A 284 7.55 10.09 3.77
C ILE A 284 6.41 10.75 3.00
N PHE A 285 5.17 10.56 3.45
CA PHE A 285 4.02 11.07 2.72
C PHE A 285 3.41 12.29 3.39
N HIS A 286 4.02 12.78 4.48
CA HIS A 286 3.55 13.99 5.15
C HIS A 286 2.09 13.84 5.56
N LEU A 287 1.78 12.71 6.14
CA LEU A 287 0.41 12.43 6.52
C LEU A 287 0.16 12.92 7.94
N PRO A 288 -1.02 13.49 8.19
CA PRO A 288 -1.24 14.15 9.48
C PRO A 288 -1.56 13.12 10.55
N PRO A 289 -1.34 13.47 11.81
CA PRO A 289 -1.80 12.58 12.89
C PRO A 289 -3.31 12.45 12.86
N GLN A 290 -3.79 11.39 13.53
CA GLN A 290 -5.22 11.13 13.70
C GLN A 290 -5.54 11.23 15.19
N GLU A 291 -6.28 12.26 15.56
CA GLU A 291 -6.69 12.47 16.95
C GLU A 291 -7.40 11.24 17.49
N ASP A 292 -7.15 10.93 18.76
CA ASP A 292 -7.92 9.94 19.52
C ASP A 292 -8.17 8.67 18.70
N THR A 293 -7.07 8.11 18.18
CA THR A 293 -7.11 7.00 17.24
C THR A 293 -6.10 5.96 17.69
N TYR A 294 -6.50 4.69 17.75
CA TYR A 294 -5.56 3.67 18.20
C TYR A 294 -6.11 2.29 17.90
N VAL A 295 -5.22 1.31 17.93
CA VAL A 295 -5.51 -0.08 17.58
C VAL A 295 -5.10 -0.95 18.76
N GLU A 296 -6.01 -1.81 19.22
CA GLU A 296 -5.73 -2.75 20.30
C GLU A 296 -5.57 -4.15 19.72
N VAL A 297 -4.41 -4.77 19.98
CA VAL A 297 -4.13 -6.09 19.44
C VAL A 297 -3.86 -7.08 20.57
N ASP A 298 -4.11 -8.34 20.26
CA ASP A 298 -3.90 -9.47 21.17
C ASP A 298 -2.80 -10.33 20.56
N LEU A 299 -1.66 -10.42 21.23
CA LEU A 299 -0.53 -11.14 20.67
C LEU A 299 -0.55 -12.61 21.06
N GLU A 300 -1.55 -13.06 21.81
CA GLU A 300 -1.58 -14.42 22.35
C GLU A 300 -2.41 -15.37 21.51
N HIS A 301 -3.49 -14.88 20.91
CA HIS A 301 -4.44 -15.74 20.20
C HIS A 301 -3.82 -16.31 18.93
N GLU A 302 -3.82 -17.64 18.82
CA GLU A 302 -3.35 -18.32 17.62
C GLU A 302 -4.53 -18.79 16.79
N TRP A 303 -4.48 -18.51 15.49
CA TRP A 303 -5.55 -18.89 14.59
C TRP A 303 -4.94 -19.19 13.23
N THR A 304 -5.75 -19.79 12.36
CA THR A 304 -5.34 -20.21 11.02
C THR A 304 -6.06 -19.36 9.98
N ILE A 305 -5.32 -18.88 8.99
CA ILE A 305 -5.96 -17.99 8.02
C ILE A 305 -6.93 -18.81 7.17
N PRO A 306 -8.20 -18.43 7.10
CA PRO A 306 -9.20 -19.22 6.37
C PRO A 306 -9.10 -18.98 4.86
N SER A 307 -10.03 -19.59 4.12
CA SER A 307 -9.98 -19.46 2.66
C SER A 307 -10.35 -18.07 2.18
N HIS A 308 -11.07 -17.28 3.00
CA HIS A 308 -11.25 -15.87 2.71
C HIS A 308 -11.47 -15.12 4.01
N MET A 309 -10.97 -13.90 4.08
CA MET A 309 -11.32 -13.07 5.22
C MET A 309 -12.67 -12.37 5.09
N PRO A 310 -13.20 -11.92 6.22
CA PRO A 310 -14.61 -11.46 6.26
C PRO A 310 -14.95 -10.33 5.31
N PHE A 311 -14.05 -9.36 5.08
CA PHE A 311 -14.52 -8.09 4.53
C PHE A 311 -14.15 -7.84 3.08
N SER A 312 -12.97 -8.20 2.63
CA SER A 312 -12.61 -7.83 1.26
C SER A 312 -13.54 -8.57 0.28
N LYS A 313 -14.07 -7.82 -0.69
CA LYS A 313 -14.86 -8.44 -1.74
C LYS A 313 -14.04 -9.41 -2.58
N ALA A 314 -12.72 -9.44 -2.45
CA ALA A 314 -11.95 -10.44 -3.18
C ALA A 314 -12.40 -11.84 -2.81
N HIS A 315 -12.78 -12.04 -1.55
CA HIS A 315 -13.33 -13.32 -1.11
C HIS A 315 -12.36 -14.48 -1.36
N TRP A 316 -11.05 -14.22 -1.25
CA TRP A 316 -10.03 -15.26 -1.31
C TRP A 316 -8.74 -14.69 -0.71
N THR A 317 -7.79 -15.57 -0.39
CA THR A 317 -6.51 -15.03 0.10
C THR A 317 -5.40 -16.03 -0.19
N PRO A 318 -4.23 -15.57 -0.65
CA PRO A 318 -3.12 -16.51 -0.83
C PRO A 318 -2.49 -16.99 0.47
N PHE A 319 -2.85 -16.43 1.62
CA PHE A 319 -2.30 -16.86 2.89
C PHE A 319 -3.12 -17.96 3.54
N GLU A 320 -4.13 -18.50 2.85
CA GLU A 320 -4.96 -19.55 3.41
C GLU A 320 -4.11 -20.67 3.97
N GLY A 321 -4.41 -21.08 5.20
CA GLY A 321 -3.69 -22.18 5.83
C GLY A 321 -2.50 -21.76 6.66
N GLN A 322 -2.06 -20.51 6.58
CA GLN A 322 -0.95 -20.09 7.41
C GLN A 322 -1.41 -19.89 8.85
N LYS A 323 -0.57 -20.30 9.79
CA LYS A 323 -0.85 -20.16 11.22
C LYS A 323 -0.24 -18.85 11.72
N VAL A 324 -1.06 -18.00 12.30
CA VAL A 324 -0.63 -16.71 12.77
C VAL A 324 -0.89 -16.61 14.27
N LYS A 325 -0.23 -15.64 14.90
CA LYS A 325 -0.37 -15.36 16.32
C LYS A 325 -0.46 -13.86 16.48
N GLY A 326 -1.59 -13.37 16.97
CA GLY A 326 -1.77 -11.92 16.85
C GLY A 326 -3.06 -11.57 16.11
N THR A 327 -3.87 -10.74 16.74
CA THR A 327 -5.20 -10.46 16.22
C THR A 327 -5.61 -9.04 16.62
N VAL A 328 -6.28 -8.36 15.70
CA VAL A 328 -6.83 -7.04 15.98
C VAL A 328 -8.11 -7.22 16.80
N ARG A 329 -8.13 -6.64 18.00
CA ARG A 329 -9.31 -6.76 18.86
C ARG A 329 -10.25 -5.57 18.71
N ARG A 330 -9.71 -4.36 18.66
CA ARG A 330 -10.52 -3.16 18.66
C ARG A 330 -9.76 -2.05 17.97
N VAL A 331 -10.47 -1.20 17.25
CA VAL A 331 -9.92 -0.01 16.62
C VAL A 331 -10.81 1.16 16.96
N VAL A 332 -10.22 2.23 17.51
CA VAL A 332 -10.90 3.50 17.74
C VAL A 332 -10.38 4.49 16.71
N LEU A 333 -11.29 5.12 15.96
CA LEU A 333 -10.90 6.11 14.96
C LEU A 333 -11.54 7.44 15.32
N ARG A 334 -10.70 8.42 15.62
CA ARG A 334 -11.16 9.78 15.96
C ARG A 334 -12.31 9.74 16.98
N GLY A 335 -12.12 8.92 18.02
CA GLY A 335 -13.01 8.90 19.16
C GLY A 335 -14.20 7.99 19.06
N GLU A 336 -14.38 7.29 17.94
CA GLU A 336 -15.47 6.32 17.78
C GLU A 336 -14.88 4.93 17.67
N VAL A 337 -15.56 3.96 18.28
CA VAL A 337 -15.21 2.57 18.05
C VAL A 337 -15.49 2.26 16.59
N ALA A 338 -14.46 1.83 15.86
CA ALA A 338 -14.62 1.54 14.44
C ALA A 338 -14.69 0.05 14.16
N TYR A 339 -14.11 -0.76 15.02
CA TYR A 339 -14.01 -2.18 14.76
C TYR A 339 -13.83 -2.89 16.08
N ILE A 340 -14.57 -4.00 16.25
CA ILE A 340 -14.38 -4.84 17.42
C ILE A 340 -14.66 -6.30 17.05
N ASP A 341 -13.66 -7.16 17.31
CA ASP A 341 -13.77 -8.60 17.12
C ASP A 341 -14.65 -8.99 15.95
N GLY A 342 -14.38 -8.42 14.77
CA GLY A 342 -15.04 -8.82 13.54
C GLY A 342 -16.19 -7.95 13.12
N GLN A 343 -16.56 -6.97 13.92
CA GLN A 343 -17.69 -6.11 13.59
C GLN A 343 -17.16 -4.71 13.27
N VAL A 344 -17.42 -4.23 12.07
CA VAL A 344 -17.10 -2.85 11.73
C VAL A 344 -18.30 -2.00 12.13
N LEU A 345 -18.03 -0.94 12.88
CA LEU A 345 -19.08 -0.17 13.52
C LEU A 345 -19.16 1.28 13.08
N VAL A 346 -18.33 1.73 12.14
CA VAL A 346 -18.55 3.07 11.57
C VAL A 346 -19.08 2.92 10.15
N PRO A 347 -19.96 3.81 9.69
CA PRO A 347 -20.63 3.63 8.40
C PRO A 347 -19.76 4.08 7.24
N PRO A 348 -20.11 3.67 6.02
CA PRO A 348 -19.49 4.27 4.84
C PRO A 348 -19.68 5.79 4.92
N GLY A 349 -18.61 6.52 4.65
CA GLY A 349 -18.66 7.97 4.74
C GLY A 349 -18.10 8.55 6.02
N TYR A 350 -17.83 7.72 7.04
CA TYR A 350 -17.16 8.22 8.24
C TYR A 350 -15.75 8.70 7.94
N GLY A 351 -15.09 8.11 6.94
CA GLY A 351 -13.70 8.45 6.65
C GLY A 351 -13.55 9.77 5.90
N GLN A 352 -12.40 10.42 6.13
CA GLN A 352 -12.17 11.76 5.58
C GLN A 352 -10.87 11.81 4.78
N ASP A 353 -10.83 12.75 3.84
CA ASP A 353 -9.65 13.01 3.03
C ASP A 353 -8.65 13.79 3.88
N VAL A 354 -7.56 13.13 4.29
CA VAL A 354 -6.62 13.77 5.20
C VAL A 354 -5.92 14.95 4.54
N ARG A 355 -5.87 14.98 3.20
CA ARG A 355 -5.21 16.11 2.56
C ARG A 355 -6.01 17.40 2.70
N LYS A 356 -7.26 17.32 3.13
CA LYS A 356 -8.05 18.51 3.40
C LYS A 356 -7.93 18.97 4.85
N TRP A 357 -7.26 18.22 5.71
CA TRP A 357 -7.03 18.70 7.07
C TRP A 357 -5.93 19.75 7.07
N PRO A 358 -6.05 20.81 7.89
CA PRO A 358 -4.98 21.83 7.90
C PRO A 358 -3.59 21.23 8.09
N GLN A 359 -3.47 20.25 8.97
CA GLN A 359 -2.19 19.60 9.24
C GLN A 359 -1.77 18.64 8.13
N GLY A 360 -2.64 18.38 7.14
CA GLY A 360 -2.38 17.36 6.15
C GLY A 360 -1.85 17.89 4.84
N ALA A 361 -1.81 19.21 4.69
CA ALA A 361 -1.15 19.81 3.52
C ALA A 361 0.36 19.69 3.66
N VAL A 362 1.04 19.44 2.55
CA VAL A 362 2.50 19.29 2.60
C VAL A 362 3.10 20.68 2.67
N PRO A 363 3.94 20.96 3.67
CA PRO A 363 4.54 22.30 3.76
C PRO A 363 5.45 22.54 2.57
N GLN A 364 5.54 23.81 2.14
CA GLN A 364 6.38 24.13 1.00
C GLN A 364 6.86 25.57 1.08
N LEU A 365 7.98 25.83 0.43
CA LEU A 365 8.50 27.20 0.31
C LEU A 365 7.59 28.02 -0.61
N PRO A 366 7.24 29.26 -0.22
CA PRO A 366 6.32 30.10 -0.99
C PRO A 366 6.68 30.20 -2.48
#